data_8E1O
#
_entry.id   8E1O
#
_cell.length_a   122.150
_cell.length_b   62.069
_cell.length_c   79.856
_cell.angle_alpha   90.000
_cell.angle_beta   117.410
_cell.angle_gamma   90.000
#
_symmetry.space_group_name_H-M   'C 1 2 1'
#
loop_
_entity.id
_entity.type
_entity.pdbx_description
1 polymer 'Transcriptional enhancer factor TEF-4'
2 non-polymer 2-AMINO-2-HYDROXYMETHYL-PROPANE-1,3-DIOL
3 non-polymer 5-methoxy-N-({3-[2-(methylamino)-2-oxoethyl]phenyl}methyl)-4-{(E)-2-[trans-4-(trifluoromethyl)cyclohexyl]ethenyl}pyridine-2-carboxamide
4 water water
#
_entity_poly.entity_id   1
_entity_poly.type   'polypeptide(L)'
_entity_poly.pdbx_seq_one_letter_code
;MHHHHHHGENLYFQGSAWQARGLGTARLQLVEFSAFVEPPDAVDSYQRHLFVHISQHCPSPGAPPLESVDVRQIYDKFPE
KKGGLRELYDRGPPHAFFLVKFWADLNWGPSGEEAGAGGSISSGGFYGVSSQYESLEHMTLTCSSKVCSFGKQVVEKVET
ERAQLEDGRFVYRLLRSPMCEYLVNFLHKLRQLPERYMMNSVLENFTILQVVTNRDTQELLLCTAYVFEVSTSERGAQHH
IYRLVRDGNS
;
_entity_poly.pdbx_strand_id   A,B
#
loop_
_chem_comp.id
_chem_comp.type
_chem_comp.name
_chem_comp.formula
TRS non-polymer 2-AMINO-2-HYDROXYMETHYL-PROPANE-1,3-DIOL 'C4 H12 N O3 1'
Y2S non-polymer 5-methoxy-N-({3-[2-(methylamino)-2-oxoethyl]phenyl}methyl)-4-{(E)-2-[trans-4-(trifluoromethyl)cyclohexyl]ethenyl}pyridine-2-carboxamide 'C26 H30 F3 N3 O3'
#
# COMPACT_ATOMS: atom_id res chain seq x y z
N ALA A 17 -2.08 32.75 -11.78
CA ALA A 17 -1.17 32.69 -12.92
C ALA A 17 -0.08 31.63 -12.73
N TRP A 18 0.19 31.31 -11.46
CA TRP A 18 1.01 30.16 -11.09
C TRP A 18 0.17 28.94 -10.82
N GLN A 19 -1.12 29.00 -11.15
CA GLN A 19 -2.04 27.91 -10.87
C GLN A 19 -1.95 26.88 -11.98
N ALA A 20 -2.04 25.61 -11.60
CA ALA A 20 -1.75 24.52 -12.51
C ALA A 20 -2.71 24.52 -13.69
N ARG A 21 -2.22 24.05 -14.84
CA ARG A 21 -3.05 23.77 -16.00
C ARG A 21 -3.31 22.28 -16.21
N GLY A 22 -2.63 21.41 -15.46
CA GLY A 22 -2.90 19.99 -15.55
C GLY A 22 -2.74 19.35 -14.19
N LEU A 23 -2.71 18.02 -14.14
CA LEU A 23 -2.62 17.32 -12.87
C LEU A 23 -1.14 17.11 -12.57
N GLY A 24 -0.56 18.07 -11.86
CA GLY A 24 0.84 17.99 -11.52
C GLY A 24 1.32 19.29 -10.93
N THR A 25 2.57 19.27 -10.50
CA THR A 25 3.30 20.43 -10.04
C THR A 25 4.56 20.56 -10.89
N ALA A 26 5.32 21.62 -10.64
CA ALA A 26 6.58 21.78 -11.34
C ALA A 26 7.58 20.69 -10.96
N ARG A 27 7.44 20.13 -9.75
CA ARG A 27 8.35 19.09 -9.30
C ARG A 27 7.96 17.71 -9.82
N LEU A 28 6.69 17.50 -10.11
CA LEU A 28 6.20 16.18 -10.51
C LEU A 28 4.90 16.34 -11.27
N GLN A 29 4.90 15.95 -12.53
CA GLN A 29 3.71 15.95 -13.36
C GLN A 29 3.28 14.53 -13.66
N LEU A 30 1.97 14.31 -13.67
CA LEU A 30 1.40 13.07 -14.15
C LEU A 30 1.37 13.09 -15.68
N VAL A 31 1.89 12.05 -16.29
CA VAL A 31 1.85 11.93 -17.75
C VAL A 31 0.62 11.15 -18.20
N GLU A 32 0.31 10.05 -17.52
CA GLU A 32 -0.76 9.18 -17.94
C GLU A 32 -1.20 8.30 -16.79
N PHE A 33 -2.51 8.11 -16.65
CA PHE A 33 -3.06 7.13 -15.74
C PHE A 33 -4.18 6.41 -16.48
N SER A 34 -4.27 5.10 -16.27
CA SER A 34 -5.37 4.36 -16.85
C SER A 34 -5.68 3.12 -16.00
N ALA A 35 -6.97 2.89 -15.77
CA ALA A 35 -7.43 1.62 -15.22
C ALA A 35 -8.18 0.89 -16.32
N PHE A 36 -7.82 -0.36 -16.55
CA PHE A 36 -8.29 -1.04 -17.74
C PHE A 36 -8.51 -2.52 -17.50
N VAL A 37 -9.08 -3.17 -18.51
CA VAL A 37 -9.26 -4.60 -18.53
C VAL A 37 -8.92 -5.11 -19.93
N GLU A 38 -8.11 -6.16 -20.01
CA GLU A 38 -7.80 -6.84 -21.26
C GLU A 38 -8.49 -8.20 -21.26
N PRO A 39 -9.41 -8.49 -22.17
CA PRO A 39 -10.08 -9.79 -22.16
C PRO A 39 -9.12 -10.91 -22.53
N PRO A 40 -9.56 -12.17 -22.40
CA PRO A 40 -8.70 -13.28 -22.87
C PRO A 40 -8.49 -13.29 -24.38
N ASP A 41 -9.40 -12.69 -25.15
CA ASP A 41 -9.23 -12.62 -26.60
C ASP A 41 -7.98 -11.85 -27.00
N ALA A 42 -7.54 -10.90 -26.15
CA ALA A 42 -6.44 -10.01 -26.51
C ALA A 42 -5.19 -10.75 -26.96
N VAL A 43 -5.01 -11.99 -26.54
CA VAL A 43 -3.88 -12.79 -27.02
C VAL A 43 -4.00 -13.03 -28.52
N ASP A 44 -5.13 -13.56 -28.96
CA ASP A 44 -5.36 -13.72 -30.39
C ASP A 44 -5.28 -12.37 -31.10
N SER A 45 -6.01 -11.38 -30.60
CA SER A 45 -5.98 -10.04 -31.18
C SER A 45 -6.16 -9.04 -30.04
N TYR A 46 -5.13 -8.25 -29.75
CA TYR A 46 -5.12 -7.41 -28.55
C TYR A 46 -6.18 -6.33 -28.60
N GLN A 47 -6.90 -6.18 -27.48
CA GLN A 47 -7.79 -5.05 -27.26
C GLN A 47 -7.85 -4.79 -25.77
N ARG A 48 -8.17 -3.55 -25.40
CA ARG A 48 -8.27 -3.22 -24.00
C ARG A 48 -9.29 -2.11 -23.80
N HIS A 49 -10.14 -2.30 -22.79
CA HIS A 49 -11.17 -1.35 -22.43
C HIS A 49 -10.65 -0.50 -21.28
N LEU A 50 -10.89 0.80 -21.37
CA LEU A 50 -10.45 1.73 -20.33
C LEU A 50 -11.65 2.13 -19.49
N PHE A 51 -11.60 1.78 -18.20
CA PHE A 51 -12.61 2.30 -17.29
C PHE A 51 -12.45 3.80 -17.12
N VAL A 52 -11.24 4.23 -16.78
CA VAL A 52 -10.93 5.64 -16.64
C VAL A 52 -9.53 5.84 -17.19
N HIS A 53 -9.26 7.06 -17.62
CA HIS A 53 -8.04 7.32 -18.37
C HIS A 53 -7.78 8.81 -18.40
N ILE A 54 -6.58 9.18 -17.96
CA ILE A 54 -6.08 10.55 -18.08
C ILE A 54 -4.86 10.49 -18.98
N SER A 55 -4.82 11.37 -19.98
CA SER A 55 -3.64 11.52 -20.81
C SER A 55 -3.27 13.00 -20.82
N GLN A 56 -2.00 13.28 -20.59
CA GLN A 56 -1.49 14.65 -20.61
C GLN A 56 -0.20 14.73 -21.39
N HIS A 57 -0.14 14.04 -22.53
CA HIS A 57 1.03 14.07 -23.40
C HIS A 57 1.10 15.39 -24.18
N PRO A 64 -4.68 27.66 -19.93
CA PRO A 64 -5.82 28.12 -19.14
C PRO A 64 -5.91 27.46 -17.76
N PRO A 65 -6.16 28.25 -16.71
CA PRO A 65 -6.17 27.67 -15.37
C PRO A 65 -7.24 26.60 -15.22
N LEU A 66 -7.00 25.69 -14.27
CA LEU A 66 -7.98 24.67 -13.95
C LEU A 66 -9.00 25.20 -12.94
N GLU A 67 -10.22 24.71 -13.04
CA GLU A 67 -11.24 25.06 -12.07
C GLU A 67 -10.77 24.63 -10.68
N SER A 68 -11.48 25.10 -9.66
CA SER A 68 -11.08 24.86 -8.29
C SER A 68 -12.24 24.26 -7.50
N VAL A 69 -11.92 23.75 -6.30
CA VAL A 69 -12.88 23.16 -5.38
C VAL A 69 -12.35 23.31 -3.97
N ASP A 70 -13.23 23.59 -3.01
CA ASP A 70 -12.80 23.82 -1.63
C ASP A 70 -12.57 22.47 -0.96
N VAL A 71 -11.34 22.24 -0.50
CA VAL A 71 -10.97 20.94 0.02
C VAL A 71 -11.91 20.52 1.14
N ARG A 72 -12.28 21.46 2.01
CA ARG A 72 -13.15 21.12 3.12
C ARG A 72 -14.43 20.44 2.64
N GLN A 73 -14.97 20.86 1.50
CA GLN A 73 -16.20 20.27 1.00
C GLN A 73 -16.10 18.76 0.79
N ILE A 74 -14.89 18.20 0.79
CA ILE A 74 -14.71 16.77 0.57
C ILE A 74 -14.02 16.06 1.74
N TYR A 75 -13.61 16.81 2.78
CA TYR A 75 -13.00 16.20 3.95
C TYR A 75 -13.71 14.90 4.34
N ASP A 76 -15.05 14.96 4.35
CA ASP A 76 -15.87 13.85 4.83
C ASP A 76 -15.79 12.62 3.95
N LYS A 77 -15.37 12.76 2.70
CA LYS A 77 -15.30 11.63 1.78
C LYS A 77 -14.00 10.85 1.89
N PHE A 78 -13.16 11.18 2.86
CA PHE A 78 -11.90 10.48 3.05
C PHE A 78 -11.61 10.35 4.54
N PRO A 79 -10.61 9.55 4.93
CA PRO A 79 -10.27 9.45 6.36
C PRO A 79 -10.02 10.82 6.98
N GLU A 80 -10.30 10.92 8.28
CA GLU A 80 -10.23 12.19 8.99
C GLU A 80 -9.18 12.18 10.11
N LYS A 81 -8.37 11.13 10.20
CA LYS A 81 -7.27 11.09 11.15
C LYS A 81 -5.95 11.06 10.40
N LYS A 82 -4.91 10.47 11.01
CA LYS A 82 -3.61 10.41 10.34
C LYS A 82 -3.77 9.74 8.98
N GLY A 83 -3.09 10.30 7.97
CA GLY A 83 -3.27 9.85 6.61
C GLY A 83 -4.56 10.31 5.96
N GLY A 84 -5.28 11.25 6.59
CA GLY A 84 -6.51 11.78 6.04
C GLY A 84 -6.29 13.08 5.30
N LEU A 85 -7.32 13.48 4.54
CA LEU A 85 -7.19 14.64 3.65
C LEU A 85 -6.97 15.92 4.44
N ARG A 86 -7.71 16.10 5.54
CA ARG A 86 -7.58 17.34 6.31
C ARG A 86 -6.15 17.53 6.79
N GLU A 87 -5.56 16.48 7.38
CA GLU A 87 -4.23 16.61 7.96
C GLU A 87 -3.16 16.65 6.89
N LEU A 88 -3.38 15.99 5.75
CA LEU A 88 -2.41 16.05 4.67
C LEU A 88 -2.35 17.44 4.05
N TYR A 89 -3.51 18.06 3.85
CA TYR A 89 -3.55 19.39 3.24
C TYR A 89 -2.90 20.42 4.14
N ASP A 90 -3.08 20.30 5.46
CA ASP A 90 -2.45 21.23 6.39
C ASP A 90 -0.93 21.14 6.31
N ARG A 91 -0.39 19.94 6.05
CA ARG A 91 1.05 19.81 5.84
C ARG A 91 1.51 20.39 4.50
N GLY A 92 0.61 20.53 3.54
CA GLY A 92 0.95 21.13 2.26
C GLY A 92 2.01 20.31 1.55
N PRO A 93 2.54 20.86 0.44
CA PRO A 93 2.18 22.18 -0.10
C PRO A 93 0.81 22.18 -0.75
N PRO A 94 0.04 23.26 -0.56
CA PRO A 94 -1.33 23.28 -1.09
C PRO A 94 -1.43 22.98 -2.57
N HIS A 95 -0.56 23.56 -3.38
CA HIS A 95 -0.70 23.47 -4.83
C HIS A 95 -0.55 22.05 -5.36
N ALA A 96 -0.27 21.09 -4.49
CA ALA A 96 -0.09 19.70 -4.91
C ALA A 96 -1.39 18.91 -4.95
N PHE A 97 -2.51 19.52 -4.56
CA PHE A 97 -3.75 18.80 -4.32
C PHE A 97 -4.74 19.04 -5.45
N PHE A 98 -5.23 17.95 -6.04
CA PHE A 98 -6.18 18.00 -7.15
C PHE A 98 -7.33 17.04 -6.86
N LEU A 99 -8.46 17.32 -7.49
CA LEU A 99 -9.64 16.46 -7.46
C LEU A 99 -9.91 16.03 -8.90
N VAL A 100 -9.95 14.73 -9.14
CA VAL A 100 -10.31 14.19 -10.44
C VAL A 100 -11.72 13.67 -10.36
N LYS A 101 -12.58 14.15 -11.24
CA LYS A 101 -13.96 13.68 -11.34
C LYS A 101 -14.02 12.80 -12.59
N PHE A 102 -14.17 11.50 -12.38
CA PHE A 102 -14.22 10.55 -13.48
C PHE A 102 -15.67 10.25 -13.85
N TRP A 103 -15.87 9.99 -15.14
CA TRP A 103 -17.03 9.29 -15.63
C TRP A 103 -16.52 7.96 -16.14
N ALA A 104 -16.83 6.87 -15.44
CA ALA A 104 -16.28 5.57 -15.78
C ALA A 104 -17.06 4.94 -16.93
N ASP A 105 -16.33 4.30 -17.84
CA ASP A 105 -16.90 3.55 -18.95
C ASP A 105 -17.07 2.10 -18.51
N LEU A 106 -18.28 1.74 -18.07
CA LEU A 106 -18.57 0.40 -17.60
C LEU A 106 -19.28 -0.46 -18.65
N ASN A 107 -19.05 -0.16 -19.92
CA ASN A 107 -19.73 -0.81 -21.04
C ASN A 107 -18.69 -1.60 -21.83
N TRP A 108 -18.56 -2.89 -21.51
CA TRP A 108 -17.60 -3.73 -22.23
C TRP A 108 -18.00 -5.19 -22.32
N GLY A 125 -10.59 -12.02 -17.46
CA GLY A 125 -9.61 -11.11 -18.03
C GLY A 125 -8.64 -10.54 -17.01
N PHE A 126 -7.74 -9.66 -17.45
CA PHE A 126 -6.71 -9.06 -16.61
C PHE A 126 -7.08 -7.61 -16.31
N TYR A 127 -7.27 -7.30 -15.02
CA TYR A 127 -7.61 -5.96 -14.57
C TYR A 127 -6.35 -5.30 -14.02
N GLY A 128 -5.98 -4.14 -14.57
CA GLY A 128 -4.74 -3.50 -14.21
C GLY A 128 -4.85 -1.99 -14.27
N VAL A 129 -3.79 -1.33 -13.81
CA VAL A 129 -3.72 0.12 -13.75
C VAL A 129 -2.29 0.55 -14.03
N SER A 130 -2.14 1.70 -14.69
CA SER A 130 -0.82 2.20 -15.06
C SER A 130 -0.72 3.69 -14.77
N SER A 131 0.35 4.08 -14.10
CA SER A 131 0.65 5.47 -13.84
C SER A 131 2.04 5.80 -14.39
N GLN A 132 2.18 7.00 -14.93
CA GLN A 132 3.48 7.47 -15.39
C GLN A 132 3.62 8.94 -14.99
N TYR A 133 4.73 9.26 -14.34
CA TYR A 133 5.04 10.62 -13.89
C TYR A 133 6.37 11.07 -14.49
N GLU A 134 6.58 12.39 -14.48
CA GLU A 134 7.82 13.00 -14.92
C GLU A 134 8.26 14.06 -13.92
N SER A 135 9.54 14.39 -13.94
CA SER A 135 10.06 15.46 -13.10
C SER A 135 11.42 15.86 -13.61
N LEU A 136 11.88 17.03 -13.17
CA LEU A 136 13.22 17.50 -13.49
C LEU A 136 14.24 17.11 -12.43
N GLU A 137 13.81 16.40 -11.39
CA GLU A 137 14.65 16.05 -10.27
C GLU A 137 14.63 14.53 -10.09
N HIS A 138 15.78 13.99 -9.71
CA HIS A 138 15.90 12.56 -9.42
C HIS A 138 15.38 12.29 -8.02
N MET A 139 14.30 11.53 -7.91
CA MET A 139 13.75 11.17 -6.62
C MET A 139 13.38 9.70 -6.66
N THR A 140 13.03 9.19 -5.49
CA THR A 140 12.42 7.87 -5.35
C THR A 140 11.06 8.10 -4.75
N LEU A 141 10.02 7.88 -5.55
CA LEU A 141 8.67 8.17 -5.14
C LEU A 141 8.10 6.99 -4.36
N THR A 142 7.19 7.31 -3.44
CA THR A 142 6.36 6.34 -2.75
C THR A 142 4.91 6.68 -3.08
N CYS A 143 4.21 5.75 -3.73
CA CYS A 143 2.89 6.01 -4.30
C CYS A 143 1.86 5.19 -3.55
N SER A 144 1.01 5.87 -2.80
CA SER A 144 -0.03 5.24 -2.00
C SER A 144 -1.39 5.43 -2.65
N SER A 145 -2.14 4.34 -2.80
CA SER A 145 -3.49 4.41 -3.36
C SER A 145 -4.48 3.87 -2.33
N LYS A 146 -5.25 4.78 -1.72
CA LYS A 146 -6.25 4.43 -0.73
C LYS A 146 -7.63 4.30 -1.37
N VAL A 147 -8.23 3.12 -1.27
CA VAL A 147 -9.63 2.94 -1.65
C VAL A 147 -10.49 3.16 -0.41
N CYS A 148 -11.56 3.94 -0.58
CA CYS A 148 -12.38 4.38 0.54
C CYS A 148 -13.85 4.17 0.24
N SER A 149 -14.59 3.75 1.26
CA SER A 149 -16.03 3.54 1.16
C SER A 149 -16.68 4.31 2.29
N PHE A 150 -17.68 5.13 1.96
CA PHE A 150 -18.30 6.02 2.94
C PHE A 150 -17.24 6.73 3.78
N GLY A 151 -16.09 7.03 3.17
CA GLY A 151 -15.04 7.77 3.83
C GLY A 151 -14.04 6.94 4.63
N LYS A 152 -14.32 5.66 4.87
CA LYS A 152 -13.46 4.82 5.69
C LYS A 152 -12.54 4.03 4.78
N GLN A 153 -11.23 4.11 5.04
CA GLN A 153 -10.28 3.36 4.23
C GLN A 153 -10.72 1.91 4.20
N VAL A 154 -10.57 1.28 3.04
CA VAL A 154 -10.98 -0.11 2.84
C VAL A 154 -9.81 -0.97 2.43
N VAL A 155 -9.02 -0.52 1.47
CA VAL A 155 -7.79 -1.19 1.05
C VAL A 155 -6.79 -0.12 0.67
N GLU A 156 -5.50 -0.42 0.82
CA GLU A 156 -4.46 0.51 0.46
C GLU A 156 -3.29 -0.23 -0.19
N LYS A 157 -2.64 0.44 -1.13
CA LYS A 157 -1.46 -0.09 -1.80
C LYS A 157 -0.37 0.96 -1.79
N VAL A 158 0.87 0.55 -1.59
CA VAL A 158 1.99 1.49 -1.46
C VAL A 158 3.16 0.97 -2.29
N GLU A 159 3.22 1.37 -3.55
CA GLU A 159 4.37 1.02 -4.39
C GLU A 159 5.51 1.99 -4.13
N THR A 160 6.68 1.68 -4.69
CA THR A 160 7.82 2.58 -4.65
C THR A 160 8.51 2.55 -6.00
N GLU A 161 8.70 3.72 -6.61
CA GLU A 161 9.26 3.83 -7.94
C GLU A 161 10.51 4.68 -7.90
N ARG A 162 11.65 4.09 -8.26
CA ARG A 162 12.85 4.86 -8.50
C ARG A 162 12.78 5.47 -9.90
N ALA A 163 13.57 6.52 -10.10
CA ALA A 163 13.52 7.26 -11.35
C ALA A 163 14.42 6.63 -12.40
N GLN A 164 14.12 6.92 -13.66
CA GLN A 164 14.97 6.52 -14.77
C GLN A 164 15.13 7.73 -15.69
N LEU A 165 16.35 8.26 -15.76
CA LEU A 165 16.62 9.46 -16.55
C LEU A 165 16.48 9.14 -18.04
N GLU A 166 15.71 9.92 -18.77
CA GLU A 166 15.48 9.72 -20.17
C GLU A 166 15.21 11.02 -20.87
N ASP A 167 16.07 11.44 -21.79
CA ASP A 167 15.97 12.70 -22.54
C ASP A 167 16.03 13.93 -21.62
N GLY A 168 16.88 13.79 -20.61
CA GLY A 168 17.13 14.84 -19.63
C GLY A 168 16.14 15.01 -18.51
N ARG A 169 15.10 14.20 -18.49
CA ARG A 169 14.09 14.32 -17.52
C ARG A 169 13.83 12.95 -17.00
N PHE A 170 13.58 12.84 -15.74
CA PHE A 170 13.39 11.55 -15.09
C PHE A 170 11.96 11.08 -15.30
N VAL A 171 11.82 9.79 -15.56
CA VAL A 171 10.52 9.17 -15.81
C VAL A 171 10.29 8.09 -14.77
N TYR A 172 9.06 8.05 -14.26
CA TYR A 172 8.63 7.07 -13.26
C TYR A 172 7.52 6.23 -13.90
N ARG A 173 7.76 4.94 -14.04
CA ARG A 173 6.82 4.06 -14.73
C ARG A 173 6.33 2.96 -13.79
N LEU A 174 5.06 3.07 -13.41
CA LEU A 174 4.36 2.00 -12.71
C LEU A 174 3.32 1.42 -13.65
N LEU A 175 3.78 0.71 -14.67
CA LEU A 175 2.93 0.21 -15.73
C LEU A 175 2.34 -1.14 -15.38
N ARG A 176 1.15 -1.41 -15.92
CA ARG A 176 0.50 -2.71 -15.86
C ARG A 176 0.51 -3.30 -14.44
N SER A 177 0.24 -2.46 -13.47
CA SER A 177 0.09 -2.99 -12.11
C SER A 177 -1.27 -3.67 -11.98
N PRO A 178 -1.35 -4.81 -11.29
CA PRO A 178 -2.65 -5.48 -11.16
C PRO A 178 -3.61 -4.65 -10.30
N MET A 179 -4.82 -4.47 -10.80
CA MET A 179 -5.87 -3.80 -10.04
C MET A 179 -6.17 -4.61 -8.79
N CYS A 180 -6.51 -3.92 -7.70
CA CYS A 180 -6.70 -4.65 -6.45
C CYS A 180 -7.98 -5.47 -6.51
N GLU A 181 -7.99 -6.57 -5.77
CA GLU A 181 -9.09 -7.52 -5.87
C GLU A 181 -10.40 -6.90 -5.44
N TYR A 182 -10.37 -5.95 -4.51
CA TYR A 182 -11.60 -5.30 -4.09
C TYR A 182 -12.27 -4.57 -5.24
N LEU A 183 -11.48 -3.87 -6.05
CA LEU A 183 -12.05 -3.06 -7.11
C LEU A 183 -12.54 -3.92 -8.26
N VAL A 184 -11.88 -5.03 -8.55
CA VAL A 184 -12.33 -5.89 -9.62
C VAL A 184 -13.68 -6.50 -9.29
N ASN A 185 -13.87 -6.89 -8.01
CA ASN A 185 -15.18 -7.38 -7.58
C ASN A 185 -16.21 -6.27 -7.60
N PHE A 186 -15.89 -5.12 -6.99
CA PHE A 186 -16.74 -3.96 -7.09
C PHE A 186 -17.19 -3.75 -8.53
N LEU A 187 -16.26 -3.75 -9.48
CA LEU A 187 -16.62 -3.53 -10.88
C LEU A 187 -17.65 -4.54 -11.35
N HIS A 188 -17.42 -5.84 -11.10
CA HIS A 188 -18.36 -6.84 -11.61
C HIS A 188 -19.71 -6.70 -10.93
N LYS A 189 -19.72 -6.41 -9.62
CA LYS A 189 -20.98 -6.13 -8.95
C LYS A 189 -21.60 -4.85 -9.49
N LEU A 190 -20.84 -3.78 -9.60
CA LEU A 190 -21.40 -2.52 -10.08
C LEU A 190 -22.01 -2.63 -11.45
N ARG A 191 -21.41 -3.46 -12.27
CA ARG A 191 -21.83 -3.67 -13.60
C ARG A 191 -23.18 -4.32 -13.78
N GLN A 192 -23.62 -5.01 -12.78
CA GLN A 192 -24.86 -5.70 -12.91
C GLN A 192 -26.06 -4.97 -12.34
N LEU A 193 -25.87 -3.81 -11.75
CA LEU A 193 -26.99 -3.02 -11.28
C LEU A 193 -27.89 -2.69 -12.46
N PRO A 194 -29.21 -2.85 -12.33
CA PRO A 194 -30.09 -2.70 -13.50
C PRO A 194 -30.28 -1.28 -13.99
N GLU A 195 -30.01 -0.26 -13.16
CA GLU A 195 -30.20 1.13 -13.54
C GLU A 195 -28.91 1.91 -13.33
N ARG A 196 -28.65 2.88 -14.22
CA ARG A 196 -27.46 3.71 -14.08
C ARG A 196 -27.53 4.59 -12.85
N TYR A 197 -28.72 5.04 -12.46
CA TYR A 197 -28.83 5.87 -11.26
C TYR A 197 -28.54 5.09 -9.99
N MET A 198 -28.66 3.75 -10.04
CA MET A 198 -28.26 2.94 -8.90
C MET A 198 -26.75 2.84 -8.82
N MET A 199 -26.08 2.70 -9.96
CA MET A 199 -24.63 2.75 -9.95
C MET A 199 -24.16 4.07 -9.37
N ASN A 200 -24.72 5.17 -9.84
CA ASN A 200 -24.28 6.47 -9.34
C ASN A 200 -24.68 6.65 -7.88
N SER A 201 -25.74 6.00 -7.42
CA SER A 201 -26.03 6.03 -5.99
C SER A 201 -24.90 5.37 -5.22
N VAL A 202 -24.39 4.24 -5.72
CA VAL A 202 -23.32 3.51 -5.04
C VAL A 202 -22.02 4.27 -5.13
N LEU A 203 -21.70 4.82 -6.30
CA LEU A 203 -20.43 5.51 -6.50
C LEU A 203 -20.36 6.83 -5.77
N GLU A 204 -21.49 7.36 -5.28
CA GLU A 204 -21.44 8.56 -4.46
C GLU A 204 -20.62 8.34 -3.20
N ASN A 205 -20.50 7.09 -2.76
CA ASN A 205 -19.87 6.73 -1.49
C ASN A 205 -18.58 5.97 -1.69
N PHE A 206 -18.01 6.04 -2.89
CA PHE A 206 -16.81 5.31 -3.25
C PHE A 206 -15.80 6.30 -3.79
N THR A 207 -14.64 6.36 -3.14
CA THR A 207 -13.59 7.28 -3.56
C THR A 207 -12.24 6.57 -3.47
N ILE A 208 -11.27 7.17 -4.14
CA ILE A 208 -9.89 6.71 -4.12
C ILE A 208 -9.03 7.92 -3.85
N LEU A 209 -7.97 7.73 -3.06
CA LEU A 209 -7.05 8.81 -2.71
C LEU A 209 -5.64 8.34 -3.00
N GLN A 210 -4.89 9.13 -3.78
CA GLN A 210 -3.51 8.82 -4.12
C GLN A 210 -2.59 9.92 -3.62
N VAL A 211 -1.49 9.51 -2.99
CA VAL A 211 -0.52 10.42 -2.40
C VAL A 211 0.86 9.97 -2.85
N VAL A 212 1.53 10.81 -3.63
CA VAL A 212 2.89 10.57 -4.09
C VAL A 212 3.80 11.46 -3.27
N THR A 213 4.79 10.86 -2.59
CA THR A 213 5.70 11.59 -1.73
C THR A 213 7.14 11.17 -2.01
N ASN A 214 8.05 12.13 -1.86
CA ASN A 214 9.46 11.81 -1.97
C ASN A 214 9.84 10.84 -0.85
N ARG A 215 10.22 9.63 -1.16
CA ARG A 215 10.49 8.70 -0.10
C ARG A 215 11.59 9.08 0.80
N ASP A 216 12.57 9.80 0.30
CA ASP A 216 13.73 10.08 1.13
C ASP A 216 13.48 11.26 2.06
N THR A 217 12.77 12.29 1.59
CA THR A 217 12.59 13.52 2.36
C THR A 217 11.23 13.61 3.05
N GLN A 218 10.30 12.73 2.70
CA GLN A 218 8.96 12.64 3.29
C GLN A 218 8.05 13.77 2.79
N GLU A 219 8.59 14.73 2.05
CA GLU A 219 7.74 15.82 1.56
C GLU A 219 6.80 15.29 0.49
N LEU A 220 5.60 15.86 0.44
CA LEU A 220 4.57 15.42 -0.47
C LEU A 220 4.70 16.16 -1.79
N LEU A 221 4.52 15.42 -2.89
CA LEU A 221 4.71 15.94 -4.24
C LEU A 221 3.41 16.10 -5.01
N LEU A 222 2.43 15.25 -4.78
CA LEU A 222 1.20 15.27 -5.57
C LEU A 222 0.14 14.41 -4.91
N CYS A 223 -1.01 15.01 -4.57
CA CYS A 223 -2.11 14.29 -3.93
C CYS A 223 -3.38 14.46 -4.75
N THR A 224 -3.95 13.34 -5.19
CA THR A 224 -5.09 13.33 -6.11
C THR A 224 -6.26 12.61 -5.48
N ALA A 225 -7.41 13.28 -5.42
CA ALA A 225 -8.66 12.67 -4.96
C ALA A 225 -9.54 12.37 -6.15
N TYR A 226 -10.15 11.17 -6.15
CA TYR A 226 -10.92 10.69 -7.28
C TYR A 226 -12.35 10.41 -6.83
N VAL A 227 -13.32 11.05 -7.48
CA VAL A 227 -14.74 10.77 -7.28
C VAL A 227 -15.29 10.25 -8.59
N PHE A 228 -16.27 9.36 -8.51
CA PHE A 228 -16.66 8.58 -9.67
C PHE A 228 -18.13 8.74 -9.99
N GLU A 229 -18.39 8.78 -11.29
CA GLU A 229 -19.71 8.59 -11.87
C GLU A 229 -19.57 7.56 -12.96
N VAL A 230 -20.69 6.97 -13.34
CA VAL A 230 -20.72 6.04 -14.46
C VAL A 230 -21.19 6.82 -15.69
N SER A 231 -20.42 6.71 -16.76
CA SER A 231 -20.79 7.36 -18.00
C SER A 231 -21.97 6.64 -18.64
N THR A 232 -22.73 7.38 -19.45
CA THR A 232 -23.83 6.75 -20.18
C THR A 232 -23.26 5.71 -21.15
N SER A 233 -24.11 4.75 -21.51
CA SER A 233 -23.64 3.63 -22.33
C SER A 233 -23.02 4.08 -23.65
N GLU A 234 -23.41 5.25 -24.16
CA GLU A 234 -22.98 5.69 -25.48
C GLU A 234 -21.62 6.40 -25.47
N ARG A 235 -21.22 7.00 -24.35
CA ARG A 235 -19.96 7.72 -24.26
C ARG A 235 -18.93 6.89 -23.51
N GLY A 236 -17.66 7.19 -23.78
CA GLY A 236 -16.56 6.55 -23.10
C GLY A 236 -16.02 7.43 -22.00
N ALA A 237 -15.03 6.90 -21.28
CA ALA A 237 -14.51 7.58 -20.11
C ALA A 237 -14.17 9.03 -20.42
N GLN A 238 -14.35 9.88 -19.43
CA GLN A 238 -13.93 11.26 -19.48
C GLN A 238 -13.61 11.70 -18.06
N HIS A 239 -12.92 12.83 -17.94
CA HIS A 239 -12.46 13.31 -16.65
C HIS A 239 -12.57 14.82 -16.62
N HIS A 240 -12.69 15.35 -15.40
CA HIS A 240 -12.68 16.79 -15.16
C HIS A 240 -11.80 17.02 -13.95
N ILE A 241 -10.69 17.72 -14.15
CA ILE A 241 -9.69 17.92 -13.11
C ILE A 241 -9.87 19.30 -12.50
N TYR A 242 -9.75 19.36 -11.17
CA TYR A 242 -9.90 20.58 -10.40
C TYR A 242 -8.72 20.72 -9.45
N ARG A 243 -8.45 21.96 -9.05
CA ARG A 243 -7.47 22.24 -8.00
C ARG A 243 -8.18 22.35 -6.66
N LEU A 244 -7.58 21.77 -5.61
CA LEU A 244 -8.15 21.83 -4.27
C LEU A 244 -7.59 23.03 -3.52
N VAL A 245 -8.49 23.95 -3.16
CA VAL A 245 -8.14 25.22 -2.53
C VAL A 245 -8.76 25.27 -1.14
N ARG A 246 -8.43 26.34 -0.41
CA ARG A 246 -8.96 26.54 0.94
C ARG A 246 -8.99 28.03 1.30
N GLY B 22 17.54 -18.49 15.09
CA GLY B 22 17.78 -17.72 13.88
C GLY B 22 16.61 -17.73 12.91
N LEU B 23 16.00 -16.56 12.69
CA LEU B 23 14.85 -16.43 11.81
C LEU B 23 15.33 -16.12 10.40
N GLY B 24 15.25 -17.11 9.52
CA GLY B 24 15.68 -16.93 8.15
C GLY B 24 16.33 -18.17 7.56
N THR B 25 16.60 -18.14 6.26
CA THR B 25 17.15 -19.26 5.53
C THR B 25 18.67 -19.15 5.46
N ALA B 26 19.30 -19.98 4.61
CA ALA B 26 20.72 -19.89 4.37
C ALA B 26 21.08 -18.74 3.44
N ARG B 27 20.14 -18.30 2.59
CA ARG B 27 20.39 -17.22 1.67
C ARG B 27 20.16 -15.85 2.30
N LEU B 28 19.25 -15.75 3.27
CA LEU B 28 18.83 -14.48 3.82
C LEU B 28 18.38 -14.69 5.26
N GLN B 29 18.75 -13.77 6.14
CA GLN B 29 18.37 -13.87 7.54
C GLN B 29 17.98 -12.50 8.08
N LEU B 30 16.91 -12.49 8.88
CA LEU B 30 16.49 -11.27 9.58
C LEU B 30 17.39 -11.07 10.80
N VAL B 31 18.00 -9.90 10.90
CA VAL B 31 18.94 -9.60 11.98
C VAL B 31 18.35 -8.65 13.00
N GLU B 32 17.47 -7.74 12.59
CA GLU B 32 16.97 -6.67 13.44
C GLU B 32 15.59 -6.26 12.96
N PHE B 33 14.73 -5.91 13.89
CA PHE B 33 13.45 -5.28 13.53
C PHE B 33 12.82 -4.71 14.79
N SER B 34 12.26 -3.52 14.66
CA SER B 34 11.54 -2.90 15.76
C SER B 34 10.50 -1.93 15.21
N ALA B 35 9.34 -1.94 15.84
CA ALA B 35 8.33 -0.91 15.65
C ALA B 35 8.37 -0.01 16.87
N PHE B 36 8.53 1.28 16.65
CA PHE B 36 8.81 2.19 17.76
C PHE B 36 8.09 3.51 17.58
N VAL B 37 8.03 4.25 18.67
CA VAL B 37 7.60 5.64 18.68
C VAL B 37 8.65 6.44 19.44
N GLU B 38 8.90 7.67 18.98
CA GLU B 38 9.85 8.54 19.64
C GLU B 38 9.19 9.64 20.48
N ARG B 48 13.20 6.54 22.55
CA ARG B 48 12.49 5.55 21.77
C ARG B 48 11.80 4.51 22.62
N HIS B 49 10.50 4.32 22.39
CA HIS B 49 9.76 3.21 22.96
C HIS B 49 9.56 2.17 21.86
N LEU B 50 10.04 0.96 22.11
CA LEU B 50 9.87 -0.14 21.17
C LEU B 50 8.57 -0.88 21.49
N PHE B 51 7.66 -0.91 20.53
CA PHE B 51 6.46 -1.71 20.71
C PHE B 51 6.80 -3.20 20.62
N VAL B 52 7.53 -3.58 19.59
CA VAL B 52 8.03 -4.95 19.44
C VAL B 52 9.47 -4.87 18.95
N HIS B 53 10.20 -5.96 19.14
CA HIS B 53 11.64 -5.91 18.92
C HIS B 53 12.18 -7.30 18.68
N ILE B 54 13.02 -7.43 17.65
CA ILE B 54 13.84 -8.60 17.42
C ILE B 54 15.28 -8.12 17.27
N SER B 55 16.23 -8.88 17.81
CA SER B 55 17.63 -8.47 17.87
C SER B 55 18.55 -9.60 17.39
N GLN B 56 19.83 -9.29 17.35
CA GLN B 56 20.86 -10.22 16.89
C GLN B 56 21.69 -10.79 18.06
N LEU B 66 14.73 -23.80 17.32
CA LEU B 66 13.38 -23.29 17.10
C LEU B 66 12.31 -24.37 17.09
N GLU B 67 11.12 -23.98 17.53
CA GLU B 67 9.95 -24.83 17.57
C GLU B 67 9.26 -24.87 16.21
N SER B 68 8.13 -25.56 16.14
CA SER B 68 7.47 -25.69 14.84
C SER B 68 5.97 -25.56 14.99
N VAL B 69 5.31 -25.07 13.94
CA VAL B 69 3.86 -24.87 13.89
C VAL B 69 3.34 -25.32 12.54
N ASP B 70 2.06 -25.72 12.50
CA ASP B 70 1.46 -26.26 11.29
C ASP B 70 0.64 -25.18 10.59
N VAL B 71 1.00 -24.87 9.35
CA VAL B 71 0.40 -23.75 8.66
C VAL B 71 -1.10 -23.89 8.51
N ARG B 72 -1.62 -25.12 8.62
CA ARG B 72 -3.06 -25.31 8.48
C ARG B 72 -3.83 -24.52 9.51
N GLN B 73 -3.29 -24.43 10.74
CA GLN B 73 -4.02 -23.80 11.83
C GLN B 73 -4.21 -22.31 11.58
N ILE B 74 -3.20 -21.65 11.04
CA ILE B 74 -3.22 -20.20 10.88
C ILE B 74 -3.64 -19.77 9.49
N TYR B 75 -3.92 -20.72 8.59
CA TYR B 75 -4.27 -20.37 7.21
C TYR B 75 -5.49 -19.45 7.14
N ASP B 76 -6.28 -19.38 8.20
CA ASP B 76 -7.49 -18.58 8.23
C ASP B 76 -7.26 -17.13 8.63
N LYS B 77 -6.08 -16.81 9.19
CA LYS B 77 -5.78 -15.45 9.63
C LYS B 77 -5.20 -14.58 8.51
N PHE B 78 -5.07 -15.10 7.30
CA PHE B 78 -4.43 -14.45 6.16
C PHE B 78 -5.27 -14.74 4.93
N PRO B 79 -5.05 -13.98 3.83
CA PRO B 79 -5.91 -14.17 2.66
C PRO B 79 -5.97 -15.63 2.23
N GLU B 80 -7.18 -16.10 1.97
CA GLU B 80 -7.38 -17.46 1.45
C GLU B 80 -7.34 -17.51 -0.06
N LYS B 81 -7.21 -16.35 -0.71
CA LYS B 81 -7.11 -16.27 -2.16
C LYS B 81 -5.67 -16.56 -2.60
N LYS B 82 -5.45 -16.62 -3.90
CA LYS B 82 -4.10 -16.72 -4.42
C LYS B 82 -3.26 -15.57 -3.85
N GLY B 83 -2.01 -15.85 -3.53
CA GLY B 83 -1.23 -14.93 -2.73
C GLY B 83 -1.47 -15.07 -1.25
N GLY B 84 -2.27 -16.05 -0.84
CA GLY B 84 -2.48 -16.33 0.56
C GLY B 84 -1.38 -17.17 1.15
N LEU B 85 -1.46 -17.38 2.46
CA LEU B 85 -0.43 -18.15 3.14
C LEU B 85 -0.41 -19.59 2.64
N ARG B 86 -1.59 -20.20 2.50
CA ARG B 86 -1.66 -21.55 1.93
C ARG B 86 -1.19 -21.56 0.47
N GLU B 87 -1.67 -20.60 -0.32
CA GLU B 87 -1.27 -20.54 -1.74
C GLU B 87 0.22 -20.26 -1.87
N LEU B 88 0.77 -19.40 -1.01
CA LEU B 88 2.21 -19.16 -1.03
C LEU B 88 3.00 -20.35 -0.52
N TYR B 89 2.43 -21.12 0.41
CA TYR B 89 3.15 -22.24 1.00
C TYR B 89 3.27 -23.39 0.02
N ASP B 90 2.17 -23.74 -0.66
CA ASP B 90 2.22 -24.83 -1.63
C ASP B 90 3.33 -24.60 -2.66
N ARG B 91 3.54 -23.34 -3.05
CA ARG B 91 4.59 -22.99 -4.00
C ARG B 91 5.98 -23.12 -3.42
N GLY B 92 6.11 -23.24 -2.10
CA GLY B 92 7.40 -23.39 -1.47
C GLY B 92 8.35 -22.26 -1.78
N PRO B 93 9.64 -22.45 -1.43
CA PRO B 93 10.13 -23.62 -0.69
C PRO B 93 9.73 -23.55 0.78
N PRO B 94 9.14 -24.63 1.31
CA PRO B 94 8.52 -24.53 2.64
C PRO B 94 9.49 -24.29 3.80
N HIS B 95 10.80 -24.31 3.56
CA HIS B 95 11.76 -24.07 4.64
C HIS B 95 11.95 -22.58 4.93
N ALA B 96 11.32 -21.70 4.15
CA ALA B 96 11.46 -20.26 4.29
C ALA B 96 10.29 -19.60 5.00
N PHE B 97 9.32 -20.37 5.48
CA PHE B 97 8.12 -19.82 6.10
C PHE B 97 8.30 -19.84 7.62
N PHE B 98 8.04 -18.70 8.25
CA PHE B 98 8.20 -18.58 9.70
C PHE B 98 7.00 -17.87 10.29
N LEU B 99 6.86 -18.07 11.60
CA LEU B 99 5.81 -17.44 12.41
C LEU B 99 6.47 -16.78 13.60
N VAL B 100 6.06 -15.54 13.87
CA VAL B 100 6.61 -14.74 14.97
C VAL B 100 5.45 -14.26 15.81
N LYS B 101 5.41 -14.71 17.05
CA LYS B 101 4.42 -14.25 18.02
C LYS B 101 5.01 -13.08 18.80
N PHE B 102 4.41 -11.91 18.65
CA PHE B 102 4.84 -10.72 19.36
C PHE B 102 3.96 -10.49 20.57
N TRP B 103 4.59 -10.09 21.67
CA TRP B 103 3.90 -9.51 22.83
C TRP B 103 4.35 -8.06 22.91
N ALA B 104 3.49 -7.15 22.49
CA ALA B 104 3.87 -5.75 22.37
C ALA B 104 3.81 -5.04 23.71
N ASP B 105 4.75 -4.11 23.91
CA ASP B 105 4.80 -3.26 25.09
C ASP B 105 4.17 -1.92 24.71
N LEU B 106 2.87 -1.79 24.97
CA LEU B 106 2.13 -0.56 24.74
C LEU B 106 2.09 0.33 25.97
N ASN B 107 3.07 0.19 26.87
CA ASN B 107 3.12 0.95 28.12
C ASN B 107 4.07 2.14 27.92
N TRP B 108 3.51 3.32 27.65
CA TRP B 108 4.35 4.53 27.52
C TRP B 108 3.64 5.86 27.77
N GLY B 125 4.78 12.46 18.61
CA GLY B 125 5.77 11.40 18.51
C GLY B 125 5.83 10.79 17.12
N PHE B 126 6.99 10.25 16.75
CA PHE B 126 7.23 9.69 15.43
C PHE B 126 7.08 8.18 15.50
N TYR B 127 6.13 7.64 14.74
CA TYR B 127 5.92 6.20 14.68
C TYR B 127 6.70 5.63 13.50
N GLY B 128 7.66 4.76 13.78
CA GLY B 128 8.54 4.26 12.75
C GLY B 128 8.86 2.79 12.97
N VAL B 129 9.51 2.22 11.97
CA VAL B 129 9.98 0.84 12.02
C VAL B 129 11.38 0.79 11.41
N SER B 130 12.17 -0.18 11.86
CA SER B 130 13.49 -0.42 11.32
C SER B 130 13.67 -1.91 11.11
N SER B 131 14.33 -2.29 10.03
CA SER B 131 14.66 -3.68 9.77
C SER B 131 16.05 -3.76 9.15
N GLN B 132 16.65 -4.94 9.27
CA GLN B 132 17.95 -5.20 8.66
C GLN B 132 18.01 -6.67 8.31
N TYR B 133 18.41 -6.97 7.07
CA TYR B 133 18.62 -8.32 6.61
C TYR B 133 20.09 -8.50 6.24
N GLU B 134 20.50 -9.75 6.06
CA GLU B 134 21.87 -10.07 5.72
C GLU B 134 21.91 -11.29 4.81
N SER B 135 22.96 -11.36 3.99
CA SER B 135 23.16 -12.48 3.08
C SER B 135 24.60 -12.47 2.57
N LEU B 136 25.01 -13.59 2.00
CA LEU B 136 26.31 -13.69 1.37
C LEU B 136 26.27 -13.34 -0.11
N GLU B 137 25.21 -13.73 -0.80
CA GLU B 137 25.04 -13.37 -2.20
C GLU B 137 24.63 -11.91 -2.29
N HIS B 138 25.22 -11.19 -3.25
CA HIS B 138 24.73 -9.86 -3.56
C HIS B 138 23.37 -10.00 -4.23
N MET B 139 22.35 -9.42 -3.62
CA MET B 139 20.99 -9.52 -4.13
C MET B 139 20.33 -8.15 -4.15
N THR B 140 19.17 -8.12 -4.80
CA THR B 140 18.22 -7.02 -4.67
C THR B 140 16.91 -7.64 -4.21
N LEU B 141 16.40 -7.20 -3.07
CA LEU B 141 15.24 -7.83 -2.45
C LEU B 141 13.97 -7.08 -2.81
N THR B 142 12.85 -7.81 -2.76
CA THR B 142 11.51 -7.24 -2.94
C THR B 142 10.75 -7.58 -1.67
N CYS B 143 10.81 -6.68 -0.70
CA CYS B 143 10.09 -6.86 0.55
C CYS B 143 8.64 -6.44 0.35
N SER B 144 7.72 -7.26 0.82
CA SER B 144 6.30 -6.96 0.75
C SER B 144 5.71 -7.12 2.13
N SER B 145 4.86 -6.17 2.53
CA SER B 145 4.17 -6.23 3.82
C SER B 145 2.69 -6.09 3.55
N LYS B 146 1.91 -7.08 3.95
CA LYS B 146 0.47 -7.06 3.82
C LYS B 146 -0.11 -7.04 5.24
N VAL B 147 -0.75 -5.95 5.60
CA VAL B 147 -1.47 -5.88 6.87
C VAL B 147 -2.87 -6.42 6.65
N CYS B 148 -3.31 -7.30 7.55
CA CYS B 148 -4.59 -7.99 7.41
C CYS B 148 -5.41 -7.77 8.67
N SER B 149 -6.65 -7.26 8.52
CA SER B 149 -7.56 -7.10 9.63
C SER B 149 -8.64 -8.14 9.25
N PHE B 150 -8.97 -9.05 10.17
CA PHE B 150 -9.96 -10.11 9.95
C PHE B 150 -9.62 -10.90 8.69
N GLY B 151 -8.33 -11.20 8.51
CA GLY B 151 -7.84 -11.95 7.37
C GLY B 151 -7.93 -11.27 6.01
N LYS B 152 -8.54 -10.10 5.93
CA LYS B 152 -8.74 -9.41 4.66
C LYS B 152 -7.72 -8.29 4.56
N GLN B 153 -6.73 -8.47 3.69
CA GLN B 153 -5.69 -7.48 3.42
C GLN B 153 -6.27 -6.07 3.37
N VAL B 154 -5.76 -5.19 4.22
CA VAL B 154 -6.18 -3.79 4.21
C VAL B 154 -5.06 -2.86 3.77
N VAL B 155 -3.80 -3.27 3.88
CA VAL B 155 -2.67 -2.47 3.40
C VAL B 155 -1.64 -3.39 2.77
N GLU B 156 -1.00 -2.92 1.72
CA GLU B 156 0.13 -3.61 1.13
C GLU B 156 1.19 -2.59 0.75
N LYS B 157 2.41 -2.78 1.26
CA LYS B 157 3.56 -2.03 0.79
C LYS B 157 4.51 -2.96 0.04
N VAL B 158 5.19 -2.40 -0.94
CA VAL B 158 6.22 -3.14 -1.66
C VAL B 158 7.41 -2.21 -1.82
N GLU B 159 8.52 -2.57 -1.21
CA GLU B 159 9.75 -1.81 -1.31
C GLU B 159 10.80 -2.62 -2.06
N THR B 160 11.87 -1.93 -2.42
CA THR B 160 13.07 -2.54 -2.95
C THR B 160 14.24 -2.16 -2.04
N GLU B 161 15.07 -3.13 -1.71
CA GLU B 161 16.23 -2.91 -0.84
C GLU B 161 17.46 -3.40 -1.58
N ARG B 162 18.36 -2.48 -1.94
CA ARG B 162 19.59 -2.83 -2.62
C ARG B 162 20.63 -3.24 -1.60
N ALA B 163 21.34 -4.32 -1.89
CA ALA B 163 22.35 -4.82 -0.96
C ALA B 163 23.49 -3.81 -0.83
N GLN B 164 23.87 -3.52 0.40
CA GLN B 164 25.04 -2.69 0.70
C GLN B 164 26.11 -3.57 1.31
N LEU B 165 27.32 -3.51 0.75
CA LEU B 165 28.42 -4.35 1.22
C LEU B 165 29.04 -3.76 2.48
N GLU B 166 29.07 -4.56 3.55
CA GLU B 166 29.66 -4.12 4.82
C GLU B 166 30.21 -5.30 5.58
N ASP B 167 31.48 -5.20 5.98
CA ASP B 167 32.09 -6.17 6.89
C ASP B 167 31.96 -7.60 6.35
N GLY B 168 32.19 -7.76 5.05
CA GLY B 168 32.22 -9.07 4.43
C GLY B 168 30.87 -9.70 4.13
N ARG B 169 29.78 -9.20 4.71
CA ARG B 169 28.44 -9.66 4.42
C ARG B 169 27.69 -8.56 3.67
N PHE B 170 26.54 -8.92 3.12
CA PHE B 170 25.68 -7.96 2.44
C PHE B 170 24.52 -7.63 3.35
N VAL B 171 24.48 -6.38 3.84
CA VAL B 171 23.47 -5.92 4.78
C VAL B 171 22.42 -5.09 4.02
N TYR B 172 21.16 -5.44 4.22
CA TYR B 172 20.02 -4.75 3.60
C TYR B 172 19.31 -3.98 4.72
N ARG B 173 19.56 -2.71 4.79
CA ARG B 173 19.14 -1.93 5.87
C ARG B 173 18.00 -0.97 5.57
N LEU B 174 16.93 -1.04 6.33
CA LEU B 174 15.82 -0.09 6.24
C LEU B 174 15.64 0.50 7.62
N LEU B 175 16.01 1.76 7.81
CA LEU B 175 15.97 2.38 9.12
C LEU B 175 15.03 3.58 9.14
N ARG B 176 14.51 3.85 10.33
CA ARG B 176 13.62 4.98 10.60
C ARG B 176 12.66 5.23 9.45
N SER B 177 11.98 4.23 9.08
CA SER B 177 10.95 4.35 8.07
C SER B 177 9.61 4.65 8.71
N PRO B 178 8.73 5.42 8.06
CA PRO B 178 7.44 5.73 8.68
C PRO B 178 6.59 4.49 8.84
N MET B 179 6.07 4.29 10.05
CA MET B 179 5.12 3.21 10.26
C MET B 179 3.89 3.43 9.41
N CYS B 180 3.27 2.33 8.99
CA CYS B 180 2.02 2.41 8.24
C CYS B 180 1.05 3.31 8.99
N GLU B 181 0.46 4.27 8.26
CA GLU B 181 -0.44 5.20 8.93
C GLU B 181 -1.71 4.50 9.42
N TYR B 182 -2.15 3.45 8.72
CA TYR B 182 -3.26 2.65 9.25
C TYR B 182 -2.88 2.05 10.60
N LEU B 183 -1.66 1.52 10.71
CA LEU B 183 -1.21 0.95 11.98
C LEU B 183 -1.06 2.02 13.05
N VAL B 184 -0.75 3.27 12.67
CA VAL B 184 -0.66 4.32 13.66
C VAL B 184 -2.04 4.65 14.20
N ASN B 185 -2.98 4.97 13.31
CA ASN B 185 -4.35 5.19 13.73
C ASN B 185 -4.85 4.03 14.57
N PHE B 186 -4.63 2.81 14.08
CA PHE B 186 -4.96 1.64 14.87
C PHE B 186 -4.37 1.74 16.28
N LEU B 187 -3.06 1.97 16.37
CA LEU B 187 -2.40 2.04 17.67
C LEU B 187 -3.08 3.05 18.59
N HIS B 188 -3.42 4.22 18.07
CA HIS B 188 -4.02 5.25 18.90
C HIS B 188 -5.34 4.75 19.49
N LYS B 189 -6.19 4.16 18.66
CA LYS B 189 -7.42 3.58 19.18
C LYS B 189 -7.10 2.47 20.18
N LEU B 190 -6.25 1.52 19.79
CA LEU B 190 -5.95 0.38 20.65
C LEU B 190 -5.47 0.81 22.02
N ARG B 191 -4.58 1.80 22.08
CA ARG B 191 -4.06 2.16 23.39
C ARG B 191 -5.13 2.78 24.28
N GLN B 192 -6.24 3.27 23.72
CA GLN B 192 -7.28 3.85 24.54
C GLN B 192 -8.00 2.80 25.38
N LEU B 193 -7.98 1.55 24.94
CA LEU B 193 -8.84 0.54 25.55
C LEU B 193 -8.48 0.38 27.03
N PRO B 194 -9.47 0.15 27.90
CA PRO B 194 -9.19 0.18 29.34
C PRO B 194 -8.62 -1.11 29.91
N GLU B 195 -8.64 -2.21 29.16
CA GLU B 195 -8.23 -3.50 29.71
C GLU B 195 -7.42 -4.27 28.70
N ARG B 196 -6.33 -4.86 29.20
CA ARG B 196 -5.47 -5.65 28.33
C ARG B 196 -6.25 -6.72 27.59
N TYR B 197 -7.21 -7.37 28.26
CA TYR B 197 -7.91 -8.46 27.59
C TYR B 197 -8.76 -7.96 26.44
N MET B 198 -9.14 -6.69 26.44
CA MET B 198 -9.86 -6.15 25.30
C MET B 198 -8.91 -5.89 24.14
N MET B 199 -7.69 -5.41 24.44
CA MET B 199 -6.69 -5.20 23.40
C MET B 199 -6.39 -6.49 22.67
N ASN B 200 -6.24 -7.60 23.40
CA ASN B 200 -5.93 -8.87 22.76
C ASN B 200 -7.13 -9.43 22.02
N SER B 201 -8.35 -9.12 22.46
CA SER B 201 -9.52 -9.50 21.67
C SER B 201 -9.48 -8.81 20.31
N VAL B 202 -9.21 -7.49 20.31
CA VAL B 202 -9.12 -6.74 19.07
C VAL B 202 -7.97 -7.25 18.21
N LEU B 203 -6.82 -7.55 18.83
CA LEU B 203 -5.64 -7.96 18.09
C LEU B 203 -5.75 -9.39 17.57
N GLU B 204 -6.60 -10.23 18.16
CA GLU B 204 -6.72 -11.60 17.70
C GLU B 204 -7.15 -11.69 16.24
N ASN B 205 -7.44 -10.55 15.61
CA ASN B 205 -7.88 -10.48 14.23
C ASN B 205 -6.95 -9.65 13.36
N PHE B 206 -5.82 -9.23 13.89
CA PHE B 206 -4.89 -8.36 13.20
C PHE B 206 -3.57 -9.08 13.02
N THR B 207 -3.04 -9.04 11.80
CA THR B 207 -1.84 -9.77 11.47
C THR B 207 -1.11 -9.06 10.33
N ILE B 208 0.18 -9.36 10.22
CA ILE B 208 1.02 -8.85 9.14
C ILE B 208 1.72 -10.04 8.52
N LEU B 209 1.98 -9.97 7.22
CA LEU B 209 2.58 -11.08 6.48
C LEU B 209 3.63 -10.50 5.56
N GLN B 210 4.90 -10.66 5.91
CA GLN B 210 5.99 -10.16 5.10
C GLN B 210 6.53 -11.27 4.20
N VAL B 211 7.02 -10.87 3.03
CA VAL B 211 7.54 -11.81 2.05
C VAL B 211 8.71 -11.20 1.31
N VAL B 212 9.92 -11.56 1.70
CA VAL B 212 11.11 -11.07 1.01
C VAL B 212 11.39 -11.96 -0.19
N THR B 213 11.62 -11.35 -1.36
CA THR B 213 11.86 -12.09 -2.58
C THR B 213 13.07 -11.52 -3.30
N ASN B 214 13.80 -12.39 -3.99
CA ASN B 214 14.86 -11.97 -4.90
C ASN B 214 14.24 -11.33 -6.13
N ARG B 215 14.44 -10.02 -6.31
CA ARG B 215 13.80 -9.32 -7.43
C ARG B 215 14.22 -9.94 -8.76
N ASP B 216 15.51 -10.20 -8.93
CA ASP B 216 16.02 -10.63 -10.23
C ASP B 216 15.46 -11.98 -10.64
N THR B 217 15.34 -12.91 -9.68
CA THR B 217 14.94 -14.27 -10.02
C THR B 217 13.47 -14.57 -9.74
N GLN B 218 12.81 -13.78 -8.88
CA GLN B 218 11.45 -13.99 -8.42
C GLN B 218 11.41 -15.06 -7.32
N GLU B 219 12.54 -15.66 -6.97
CA GLU B 219 12.55 -16.70 -5.95
C GLU B 219 12.10 -16.13 -4.61
N LEU B 220 11.26 -16.90 -3.91
CA LEU B 220 10.90 -16.57 -2.53
C LEU B 220 12.10 -16.80 -1.62
N LEU B 221 12.54 -15.74 -0.94
CA LEU B 221 13.67 -15.86 -0.04
C LEU B 221 13.23 -16.10 1.39
N LEU B 222 12.11 -15.51 1.79
CA LEU B 222 11.70 -15.52 3.19
C LEU B 222 10.27 -15.02 3.28
N CYS B 223 9.48 -15.64 4.16
CA CYS B 223 8.09 -15.30 4.35
C CYS B 223 7.76 -15.42 5.82
N THR B 224 7.37 -14.31 6.44
CA THR B 224 7.10 -14.27 7.87
C THR B 224 5.66 -13.88 8.13
N ALA B 225 4.99 -14.63 9.00
CA ALA B 225 3.67 -14.28 9.50
C ALA B 225 3.80 -13.78 10.92
N TYR B 226 3.12 -12.70 11.24
CA TYR B 226 3.18 -12.07 12.55
C TYR B 226 1.79 -12.05 13.18
N VAL B 227 1.69 -12.53 14.41
CA VAL B 227 0.50 -12.32 15.25
C VAL B 227 0.94 -11.54 16.49
N PHE B 228 -0.01 -10.83 17.08
CA PHE B 228 0.32 -9.90 18.15
C PHE B 228 -0.60 -10.06 19.34
N GLU B 229 -0.01 -9.88 20.52
CA GLU B 229 -0.74 -9.68 21.75
C GLU B 229 -0.15 -8.47 22.45
N VAL B 230 -0.73 -8.11 23.58
CA VAL B 230 -0.23 -7.03 24.40
C VAL B 230 0.26 -7.62 25.71
N SER B 231 1.52 -7.37 26.03
CA SER B 231 2.07 -7.84 27.28
C SER B 231 1.49 -7.05 28.44
N THR B 232 1.52 -7.68 29.62
CA THR B 232 1.18 -6.94 30.83
C THR B 232 2.21 -5.84 31.03
N SER B 233 1.88 -4.89 31.92
CA SER B 233 2.80 -3.79 32.19
C SER B 233 4.11 -4.28 32.79
N GLU B 234 4.10 -5.46 33.40
CA GLU B 234 5.24 -5.95 34.16
C GLU B 234 6.26 -6.68 33.29
N ARG B 235 5.80 -7.46 32.32
CA ARG B 235 6.70 -8.39 31.64
C ARG B 235 7.50 -7.69 30.54
N GLY B 236 6.86 -6.85 29.76
CA GLY B 236 7.55 -6.12 28.72
C GLY B 236 7.65 -6.93 27.43
N ALA B 237 8.13 -6.25 26.40
CA ALA B 237 8.09 -6.83 25.06
C ALA B 237 8.85 -8.14 25.01
N GLN B 238 8.35 -9.06 24.19
CA GLN B 238 8.91 -10.38 24.02
C GLN B 238 8.40 -10.94 22.70
N HIS B 239 9.12 -11.91 22.18
CA HIS B 239 8.73 -12.53 20.92
C HIS B 239 9.22 -13.96 20.92
N HIS B 240 8.58 -14.77 20.10
CA HIS B 240 8.98 -16.16 19.91
C HIS B 240 8.84 -16.47 18.43
N ILE B 241 9.87 -17.10 17.87
CA ILE B 241 9.92 -17.42 16.45
C ILE B 241 9.72 -18.92 16.29
N TYR B 242 8.92 -19.29 15.30
CA TYR B 242 8.56 -20.69 15.06
C TYR B 242 8.68 -21.01 13.57
N ARG B 243 9.24 -22.18 13.27
CA ARG B 243 9.21 -22.69 11.90
C ARG B 243 7.80 -23.13 11.54
N LEU B 244 7.42 -22.93 10.28
CA LEU B 244 6.10 -23.27 9.78
C LEU B 244 6.17 -24.55 8.96
N VAL B 245 5.41 -25.57 9.37
CA VAL B 245 5.44 -26.89 8.75
C VAL B 245 4.02 -27.27 8.32
N ARG B 246 3.91 -28.46 7.71
CA ARG B 246 2.63 -28.99 7.26
C ARG B 246 2.72 -30.51 7.04
C TRS C . -17.83 3.07 -26.61
C1 TRS C . -19.22 3.65 -26.81
C2 TRS C . -17.83 2.17 -25.38
C3 TRS C . -16.80 4.19 -26.51
N TRS C . -17.57 2.25 -27.89
O1 TRS C . -20.14 2.66 -26.40
O2 TRS C . -18.38 2.84 -24.26
O3 TRS C . -15.61 3.65 -25.98
C14 Y2S D . -5.73 0.27 -8.23
C5 Y2S D . -3.29 -4.47 -3.67
C6 Y2S D . -3.88 -3.17 -4.17
C11 Y2S D . -4.65 -2.38 -3.32
C7 Y2S D . -3.66 -2.74 -5.48
C8 Y2S D . -4.20 -1.54 -5.93
C9 Y2S D . -4.97 -0.75 -5.08
C10 Y2S D . -5.19 -1.18 -3.77
C12 Y2S D . -3.96 -1.11 -7.35
N2 Y2S D . -3.36 -6.18 -5.47
C3 Y2S D . -3.93 -5.65 -4.36
C1 Y2S D . -2.12 -5.63 -6.02
O4 Y2S D . -4.96 -6.12 -3.92
N13 Y2S D . -4.52 0.21 -7.67
O15 Y2S D . -6.34 -0.76 -8.46
C16 Y2S D . -6.32 1.58 -8.61
N17 Y2S D . -5.65 2.71 -8.39
C18 Y2S D . -6.13 3.89 -8.72
C19 Y2S D . -7.39 3.99 -9.32
C20 Y2S D . -8.12 2.83 -9.57
C21 Y2S D . -7.58 1.61 -9.20
C22 Y2S D . -9.44 2.93 -10.19
C23 Y2S D . -10.04 1.79 -10.47
C24 Y2S D . -11.40 1.78 -11.11
C26 Y2S D . -12.33 1.06 -10.14
C27 Y2S D . -13.73 1.02 -10.74
C28 Y2S D . -14.19 2.47 -10.90
C30 Y2S D . -13.30 3.15 -11.94
C31 Y2S D . -11.87 3.21 -11.38
C32 Y2S D . -15.65 2.54 -11.34
O36 Y2S D . -7.91 5.18 -9.66
C37 Y2S D . -7.09 6.32 -9.39
F33 Y2S D . -15.76 2.32 -12.71
F34 Y2S D . -16.38 1.52 -10.69
F35 Y2S D . -16.17 3.79 -11.00
C14 Y2S E . 5.23 -1.19 9.23
C5 Y2S E . 3.18 2.47 3.75
C6 Y2S E . 3.50 1.37 4.73
C11 Y2S E . 2.74 0.22 4.63
C7 Y2S E . 4.54 1.41 5.63
C8 Y2S E . 4.78 0.32 6.46
C9 Y2S E . 4.01 -0.82 6.36
C10 Y2S E . 2.98 -0.88 5.45
C12 Y2S E . 5.90 0.34 7.46
N2 Y2S E . 4.09 4.75 4.16
C3 Y2S E . 3.07 3.87 4.28
C1 Y2S E . 5.36 4.37 3.54
O4 Y2S E . 2.02 4.22 4.78
N13 Y2S E . 6.02 -0.95 8.16
O15 Y2S E . 4.44 -0.33 9.57
C16 Y2S E . 5.32 -2.46 9.98
N17 Y2S E . 5.93 -3.53 9.47
C18 Y2S E . 6.02 -4.65 10.13
C19 Y2S E . 5.49 -4.79 11.42
C20 Y2S E . 4.84 -3.69 12.00
C21 Y2S E . 4.76 -2.50 11.26
C22 Y2S E . 4.23 -3.76 13.35
C23 Y2S E . 3.71 -2.65 13.85
C24 Y2S E . 3.04 -2.60 15.19
C26 Y2S E . 1.57 -3.00 15.01
C27 Y2S E . 0.83 -2.77 16.32
C28 Y2S E . 1.43 -3.78 17.32
C30 Y2S E . 2.87 -3.34 17.54
C31 Y2S E . 3.65 -3.53 16.23
C32 Y2S E . 0.62 -3.79 18.61
O36 Y2S E . 5.59 -5.96 12.10
C37 Y2S E . 6.50 -6.96 11.61
F33 Y2S E . 0.87 -2.65 19.37
F34 Y2S E . 0.94 -4.95 19.31
F35 Y2S E . -0.74 -3.81 18.33
#